data_3T00
#
_entry.id   3T00
#
_cell.length_a   111.123
_cell.length_b   111.123
_cell.length_c   72.441
_cell.angle_alpha   90.000
_cell.angle_beta   90.000
_cell.angle_gamma   90.000
#
_symmetry.space_group_name_H-M   'P 43 21 2'
#
loop_
_entity.id
_entity.type
_entity.pdbx_description
1 polymer 'phosphonoacetate hydrolase'
2 non-polymer 'ZINC ION'
3 non-polymer 'VANADATE ION'
4 non-polymer 'NICKEL (II) ION'
5 water water
#
_entity_poly.entity_id   1
_entity_poly.type   'polypeptide(L)'
_entity_poly.pdbx_seq_one_letter_code
;GSHMNQMSKISVTVNGRRYPWPRVPAIAVCLDGCEPAYLDAAIDAGLMPALKRIKERGAVRLAHSVIPSFTNPNNLSIAT
GSPPAVHGICGNYLYEPSTGEEVMMNDPKFLRAPTIFQAFYDAGARVAVVTAKDKLRALLGKGLRFDEGRAVCFSSEKSD
KATRAEHGIDNASAWLGRPVPEVYSAALSEFVFAAGVKLLREFRPDIMYLTTTDYVQHKYAPGVPEANSFYEMFDRYLAE
LDGLGAAIVVTADHGMKPKHKADGSPDVIYVQDLLDEWLGKDAARVILPITDPYVVHHGALGSFATAYLPDGCDRSEIMA
RLKAIQGVDVVLGREEACRRFELPEDRIGDIVLVSSENKTLGTSEHRHDLAALDEPLRSHGGLTEQEVPFIVNRVLPELP
NAPRLRNFDAFFYAVTAAAEAGAEGGL
;
_entity_poly.pdbx_strand_id   A
#
loop_
_chem_comp.id
_chem_comp.type
_chem_comp.name
_chem_comp.formula
NI non-polymer 'NICKEL (II) ION' 'Ni 2'
VO4 non-polymer 'VANADATE ION' 'O4 V -3'
ZN non-polymer 'ZINC ION' 'Zn 2'
#
# COMPACT_ATOMS: atom_id res chain seq x y z
N MET A 7 -10.93 -30.06 -22.60
CA MET A 7 -9.99 -29.81 -21.46
C MET A 7 -10.54 -28.70 -20.56
N SER A 8 -10.61 -28.99 -19.25
CA SER A 8 -10.95 -27.96 -18.28
C SER A 8 -9.72 -27.11 -17.96
N LYS A 9 -9.93 -25.81 -17.77
CA LYS A 9 -8.83 -24.88 -17.55
C LYS A 9 -8.25 -25.00 -16.15
N ILE A 10 -6.96 -24.67 -16.00
CA ILE A 10 -6.28 -24.74 -14.70
C ILE A 10 -6.46 -23.44 -13.94
N SER A 11 -6.76 -23.56 -12.64
CA SER A 11 -6.92 -22.39 -11.77
C SER A 11 -6.41 -22.62 -10.36
N VAL A 12 -6.22 -21.52 -9.65
CA VAL A 12 -5.81 -21.55 -8.25
C VAL A 12 -6.81 -20.71 -7.47
N THR A 13 -7.42 -21.30 -6.45
CA THR A 13 -8.40 -20.57 -5.66
C THR A 13 -7.76 -20.08 -4.38
N VAL A 14 -7.90 -18.77 -4.13
N VAL A 14 -7.84 -18.78 -4.11
CA VAL A 14 -7.29 -18.05 -3.01
CA VAL A 14 -7.31 -18.25 -2.86
C VAL A 14 -8.33 -17.15 -2.36
C VAL A 14 -8.21 -17.16 -2.32
N ASN A 15 -8.59 -17.33 -1.06
CA ASN A 15 -9.54 -16.46 -0.36
C ASN A 15 -10.87 -16.29 -1.11
N GLY A 16 -11.37 -17.39 -1.64
CA GLY A 16 -12.68 -17.40 -2.30
C GLY A 16 -12.73 -16.78 -3.69
N ARG A 17 -11.56 -16.54 -4.28
CA ARG A 17 -11.48 -16.05 -5.66
C ARG A 17 -10.69 -17.03 -6.52
N ARG A 18 -11.13 -17.21 -7.77
CA ARG A 18 -10.50 -18.19 -8.66
C ARG A 18 -9.57 -17.49 -9.64
N TYR A 19 -8.29 -17.86 -9.58
CA TYR A 19 -7.26 -17.26 -10.44
C TYR A 19 -6.87 -18.23 -11.54
N PRO A 20 -7.16 -17.88 -12.82
CA PRO A 20 -6.72 -18.74 -13.91
C PRO A 20 -5.21 -18.81 -13.96
N TRP A 21 -4.68 -19.94 -14.42
CA TRP A 21 -3.23 -20.08 -14.54
C TRP A 21 -2.74 -19.20 -15.68
N PRO A 22 -1.75 -18.33 -15.41
CA PRO A 22 -1.27 -17.43 -16.44
C PRO A 22 -0.38 -18.13 -17.46
N ARG A 23 -0.70 -17.96 -18.74
CA ARG A 23 0.07 -18.57 -19.84
C ARG A 23 1.42 -17.86 -20.04
N VAL A 24 1.44 -16.57 -19.72
CA VAL A 24 2.66 -15.77 -19.73
C VAL A 24 2.82 -15.16 -18.32
N PRO A 25 4.01 -14.65 -17.99
CA PRO A 25 4.14 -14.09 -16.64
C PRO A 25 3.10 -13.00 -16.35
N ALA A 26 2.55 -13.04 -15.13
CA ALA A 26 1.58 -12.04 -14.70
C ALA A 26 2.22 -11.20 -13.61
N ILE A 27 2.25 -9.89 -13.82
CA ILE A 27 2.96 -8.97 -12.95
C ILE A 27 2.00 -7.89 -12.46
N ALA A 28 2.03 -7.62 -11.16
CA ALA A 28 1.42 -6.42 -10.63
C ALA A 28 2.50 -5.52 -10.06
N VAL A 29 2.41 -4.23 -10.42
CA VAL A 29 3.35 -3.21 -9.96
C VAL A 29 2.58 -2.27 -9.07
N CYS A 30 3.03 -2.15 -7.83
CA CYS A 30 2.42 -1.19 -6.91
C CYS A 30 3.29 0.05 -6.84
N LEU A 31 2.80 1.13 -7.45
CA LEU A 31 3.48 2.42 -7.39
C LEU A 31 2.99 3.15 -6.16
N ASP A 32 3.75 3.03 -5.09
CA ASP A 32 3.37 3.55 -3.77
C ASP A 32 3.03 5.04 -3.84
N GLY A 33 1.84 5.40 -3.34
CA GLY A 33 1.43 6.80 -3.25
C GLY A 33 1.17 7.48 -4.58
N CYS A 34 0.98 6.69 -5.64
CA CYS A 34 0.84 7.24 -6.98
C CYS A 34 -0.55 7.80 -7.26
N GLU A 35 -0.80 9.01 -6.75
CA GLU A 35 -1.94 9.82 -7.14
C GLU A 35 -2.01 9.86 -8.67
N PRO A 36 -3.19 9.58 -9.26
CA PRO A 36 -3.25 9.49 -10.73
C PRO A 36 -2.62 10.68 -11.43
N ALA A 37 -2.72 11.86 -10.82
CA ALA A 37 -2.15 13.10 -11.36
C ALA A 37 -0.64 13.02 -11.65
N TYR A 38 0.10 12.20 -10.89
CA TYR A 38 1.54 12.02 -11.15
C TYR A 38 1.77 11.49 -12.56
N LEU A 39 1.01 10.46 -12.92
CA LEU A 39 1.14 9.84 -14.24
C LEU A 39 0.68 10.78 -15.35
N ASP A 40 -0.47 11.43 -15.16
CA ASP A 40 -0.97 12.39 -16.15
C ASP A 40 0.09 13.44 -16.48
N ALA A 41 0.75 13.96 -15.43
CA ALA A 41 1.74 15.03 -15.59
C ALA A 41 3.00 14.55 -16.34
N ALA A 42 3.54 13.40 -15.92
CA ALA A 42 4.72 12.84 -16.57
C ALA A 42 4.46 12.45 -18.03
N ILE A 43 3.30 11.84 -18.28
CA ILE A 43 2.90 11.54 -19.66
C ILE A 43 2.80 12.80 -20.52
N ASP A 44 2.14 13.82 -19.97
CA ASP A 44 1.97 15.10 -20.68
C ASP A 44 3.29 15.81 -20.99
N ALA A 45 4.29 15.58 -20.14
CA ALA A 45 5.62 16.15 -20.34
C ALA A 45 6.46 15.33 -21.33
N GLY A 46 5.86 14.28 -21.91
CA GLY A 46 6.54 13.41 -22.89
C GLY A 46 7.55 12.44 -22.31
N LEU A 47 7.45 12.18 -21.01
CA LEU A 47 8.44 11.41 -20.27
C LEU A 47 8.11 9.92 -20.09
N MET A 48 6.91 9.53 -20.51
CA MET A 48 6.47 8.15 -20.35
C MET A 48 5.93 7.53 -21.65
N PRO A 49 6.76 7.47 -22.70
CA PRO A 49 6.28 6.97 -23.98
C PRO A 49 5.69 5.54 -23.92
N ALA A 50 6.25 4.70 -23.06
CA ALA A 50 5.78 3.31 -22.95
C ALA A 50 4.40 3.25 -22.31
N LEU A 51 4.24 3.89 -21.15
CA LEU A 51 2.93 3.94 -20.49
C LEU A 51 1.89 4.62 -21.37
N LYS A 52 2.29 5.66 -22.11
CA LYS A 52 1.38 6.36 -23.01
C LYS A 52 0.78 5.39 -24.05
N ARG A 53 1.67 4.62 -24.69
CA ARG A 53 1.26 3.58 -25.64
C ARG A 53 0.47 2.44 -24.98
N ILE A 54 0.94 1.97 -23.84
CA ILE A 54 0.26 0.90 -23.12
C ILE A 54 -1.18 1.31 -22.76
N LYS A 55 -1.35 2.55 -22.31
CA LYS A 55 -2.69 3.07 -22.00
C LYS A 55 -3.57 3.07 -23.25
N GLU A 56 -3.03 3.61 -24.35
CA GLU A 56 -3.76 3.70 -25.62
C GLU A 56 -4.26 2.34 -26.11
N ARG A 57 -3.40 1.33 -25.97
CA ARG A 57 -3.66 0.01 -26.56
C ARG A 57 -4.24 -0.99 -25.57
N GLY A 58 -4.25 -0.63 -24.29
CA GLY A 58 -4.66 -1.58 -23.24
C GLY A 58 -5.96 -1.21 -22.57
N ALA A 59 -5.98 -1.29 -21.24
CA ALA A 59 -7.18 -0.98 -20.48
C ALA A 59 -6.80 0.03 -19.41
N VAL A 60 -7.49 1.17 -19.42
CA VAL A 60 -7.21 2.26 -18.50
C VAL A 60 -8.39 2.43 -17.55
N ARG A 61 -8.12 2.33 -16.25
CA ARG A 61 -9.15 2.52 -15.23
C ARG A 61 -8.65 3.29 -14.01
N LEU A 62 -9.60 3.65 -13.17
CA LEU A 62 -9.31 4.07 -11.81
C LEU A 62 -9.90 3.02 -10.89
N ALA A 63 -9.17 2.71 -9.82
CA ALA A 63 -9.60 1.73 -8.85
C ALA A 63 -9.68 2.37 -7.49
N HIS A 64 -10.36 1.70 -6.55
CA HIS A 64 -10.45 2.13 -5.18
C HIS A 64 -9.59 1.30 -4.26
N SER A 65 -8.75 1.99 -3.50
CA SER A 65 -7.96 1.35 -2.47
C SER A 65 -8.86 0.89 -1.31
N VAL A 66 -8.23 0.23 -0.36
CA VAL A 66 -8.79 -0.04 0.96
C VAL A 66 -8.72 1.25 1.78
N ILE A 67 -9.69 1.42 2.68
CA ILE A 67 -9.63 2.45 3.72
C ILE A 67 -9.36 1.70 5.03
N PRO A 68 -8.31 2.10 5.79
CA PRO A 68 -7.43 3.25 5.59
C PRO A 68 -6.53 3.13 4.36
N SER A 69 -6.42 4.22 3.61
CA SER A 69 -5.54 4.26 2.44
C SER A 69 -4.08 4.40 2.90
N PHE A 70 -3.59 3.36 3.57
CA PHE A 70 -2.19 3.27 4.02
C PHE A 70 -1.48 2.10 3.32
N THR A 71 -0.16 2.06 3.44
CA THR A 71 0.70 1.11 2.72
C THR A 71 0.45 -0.35 3.04
N ASN A 72 0.62 -0.71 4.31
CA ASN A 72 0.48 -2.11 4.72
C ASN A 72 -0.91 -2.72 4.47
N PRO A 73 -2.00 -2.05 4.88
CA PRO A 73 -3.31 -2.68 4.60
C PRO A 73 -3.54 -2.90 3.11
N ASN A 74 -3.10 -1.95 2.30
CA ASN A 74 -3.31 -2.05 0.86
C ASN A 74 -2.38 -3.05 0.17
N ASN A 75 -1.10 -3.03 0.51
CA ASN A 75 -0.18 -4.03 -0.03
C ASN A 75 -0.62 -5.45 0.32
N LEU A 76 -1.06 -5.65 1.56
CA LEU A 76 -1.52 -6.98 1.94
C LEU A 76 -2.84 -7.37 1.27
N SER A 77 -3.70 -6.39 1.00
CA SER A 77 -4.93 -6.63 0.24
C SER A 77 -4.57 -7.06 -1.17
N ILE A 78 -3.68 -6.32 -1.82
CA ILE A 78 -3.20 -6.69 -3.15
C ILE A 78 -2.59 -8.12 -3.15
N ALA A 79 -1.78 -8.42 -2.14
CA ALA A 79 -1.12 -9.73 -2.06
C ALA A 79 -2.09 -10.89 -1.85
N THR A 80 -3.22 -10.63 -1.21
CA THR A 80 -4.18 -11.69 -0.86
C THR A 80 -5.45 -11.65 -1.71
N GLY A 81 -5.65 -10.56 -2.43
CA GLY A 81 -6.87 -10.33 -3.21
C GLY A 81 -8.10 -10.13 -2.33
N SER A 82 -7.88 -9.66 -1.11
CA SER A 82 -8.95 -9.54 -0.12
C SER A 82 -8.77 -8.29 0.76
N PRO A 83 -9.86 -7.78 1.36
CA PRO A 83 -9.72 -6.60 2.21
C PRO A 83 -9.20 -7.01 3.60
N PRO A 84 -8.86 -6.03 4.47
CA PRO A 84 -8.30 -6.31 5.80
C PRO A 84 -9.19 -7.17 6.70
N ALA A 85 -10.51 -7.14 6.50
CA ALA A 85 -11.42 -8.01 7.26
C ALA A 85 -11.02 -9.48 7.11
N VAL A 86 -10.42 -9.81 5.98
CA VAL A 86 -9.96 -11.18 5.71
C VAL A 86 -8.51 -11.38 6.17
N HIS A 87 -7.59 -10.53 5.69
CA HIS A 87 -6.17 -10.79 5.99
C HIS A 87 -5.67 -10.27 7.34
N GLY A 88 -6.35 -9.27 7.89
CA GLY A 88 -6.08 -8.84 9.28
C GLY A 88 -5.14 -7.67 9.47
N ILE A 89 -4.47 -7.25 8.40
CA ILE A 89 -3.51 -6.14 8.50
C ILE A 89 -4.22 -4.84 8.15
N CYS A 90 -4.66 -4.11 9.16
CA CYS A 90 -5.43 -2.88 8.93
C CYS A 90 -4.73 -1.61 9.41
N GLY A 91 -3.47 -1.76 9.83
CA GLY A 91 -2.65 -0.63 10.22
C GLY A 91 -1.18 -1.02 10.32
N ASN A 92 -0.44 -0.32 11.17
CA ASN A 92 0.95 -0.66 11.46
C ASN A 92 1.18 -1.19 12.87
N TYR A 93 0.19 -0.98 13.73
CA TYR A 93 0.20 -1.53 15.10
C TYR A 93 -1.22 -1.58 15.68
N LEU A 94 -1.47 -2.58 16.51
CA LEU A 94 -2.75 -2.70 17.20
C LEU A 94 -2.63 -2.38 18.68
N TYR A 95 -3.75 -1.98 19.28
CA TYR A 95 -3.78 -1.59 20.68
C TYR A 95 -4.58 -2.58 21.53
N GLU A 96 -4.00 -2.99 22.65
CA GLU A 96 -4.68 -3.85 23.61
C GLU A 96 -5.48 -3.02 24.61
N PRO A 97 -6.83 -3.16 24.60
CA PRO A 97 -7.71 -2.40 25.51
C PRO A 97 -7.31 -2.54 26.97
N SER A 98 -7.14 -3.77 27.44
CA SER A 98 -6.56 -4.03 28.76
C SER A 98 -5.04 -4.03 28.64
N THR A 99 -4.35 -3.87 29.77
CA THR A 99 -2.87 -3.84 29.84
C THR A 99 -2.27 -2.57 29.23
N GLY A 100 -2.93 -2.01 28.21
CA GLY A 100 -2.47 -0.81 27.54
C GLY A 100 -1.24 -1.02 26.67
N GLU A 101 -1.08 -2.24 26.17
CA GLU A 101 0.07 -2.62 25.36
C GLU A 101 -0.17 -2.32 23.88
N GLU A 102 0.90 -1.96 23.17
CA GLU A 102 0.87 -1.77 21.73
C GLU A 102 1.80 -2.75 21.03
N VAL A 103 1.22 -3.71 20.31
CA VAL A 103 2.00 -4.67 19.52
C VAL A 103 1.93 -4.31 18.03
N MET A 104 2.99 -4.63 17.30
CA MET A 104 3.13 -4.22 15.90
C MET A 104 2.31 -5.03 14.91
N MET A 105 1.96 -4.39 13.80
CA MET A 105 1.26 -5.02 12.68
C MET A 105 2.24 -5.10 11.50
N ASN A 106 3.40 -5.72 11.75
CA ASN A 106 4.44 -5.86 10.73
C ASN A 106 4.98 -7.29 10.65
N ASP A 107 4.76 -8.07 11.71
CA ASP A 107 5.18 -9.47 11.74
C ASP A 107 4.14 -10.33 11.00
N PRO A 108 4.62 -11.31 10.20
CA PRO A 108 3.76 -12.19 9.40
C PRO A 108 2.75 -13.03 10.20
N LYS A 109 3.05 -13.33 11.47
CA LYS A 109 2.12 -14.11 12.31
C LYS A 109 0.76 -13.41 12.49
N PHE A 110 0.72 -12.11 12.20
CA PHE A 110 -0.53 -11.34 12.28
C PHE A 110 -1.35 -11.39 10.99
N LEU A 111 -0.77 -11.94 9.93
CA LEU A 111 -1.48 -12.16 8.68
C LEU A 111 -2.35 -13.41 8.81
N ARG A 112 -3.64 -13.26 8.53
CA ARG A 112 -4.65 -14.29 8.80
C ARG A 112 -5.25 -14.95 7.55
N ALA A 113 -4.63 -14.73 6.39
CA ALA A 113 -5.09 -15.34 5.16
C ALA A 113 -3.89 -15.59 4.26
N PRO A 114 -3.94 -16.66 3.43
CA PRO A 114 -2.80 -16.95 2.56
C PRO A 114 -2.70 -15.90 1.46
N THR A 115 -1.49 -15.66 0.99
CA THR A 115 -1.29 -14.77 -0.15
C THR A 115 -1.52 -15.55 -1.43
N ILE A 116 -1.80 -14.81 -2.49
CA ILE A 116 -1.87 -15.36 -3.84
C ILE A 116 -0.53 -16.03 -4.18
N PHE A 117 0.56 -15.47 -3.66
CA PHE A 117 1.90 -15.97 -3.93
C PHE A 117 2.07 -17.37 -3.39
N GLN A 118 1.66 -17.57 -2.13
CA GLN A 118 1.72 -18.90 -1.53
C GLN A 118 0.81 -19.87 -2.27
N ALA A 119 -0.39 -19.42 -2.61
CA ALA A 119 -1.36 -20.30 -3.26
C ALA A 119 -0.83 -20.81 -4.60
N PHE A 120 -0.27 -19.91 -5.40
CA PHE A 120 0.38 -20.30 -6.65
C PHE A 120 1.63 -21.14 -6.44
N TYR A 121 2.44 -20.76 -5.45
CA TYR A 121 3.65 -21.55 -5.14
C TYR A 121 3.29 -23.01 -4.81
N ASP A 122 2.29 -23.18 -3.96
CA ASP A 122 1.84 -24.50 -3.51
C ASP A 122 1.27 -25.34 -4.65
N ALA A 123 0.74 -24.67 -5.68
CA ALA A 123 0.21 -25.31 -6.87
C ALA A 123 1.30 -25.59 -7.92
N GLY A 124 2.54 -25.20 -7.60
CA GLY A 124 3.70 -25.54 -8.44
C GLY A 124 4.29 -24.42 -9.28
N ALA A 125 3.80 -23.20 -9.07
CA ALA A 125 4.23 -22.05 -9.85
C ALA A 125 5.61 -21.53 -9.44
N ARG A 126 6.17 -20.69 -10.30
CA ARG A 126 7.34 -19.88 -9.97
C ARG A 126 6.85 -18.50 -9.56
N VAL A 127 7.26 -18.05 -8.37
CA VAL A 127 6.69 -16.84 -7.78
C VAL A 127 7.82 -15.92 -7.34
N ALA A 128 7.69 -14.62 -7.61
CA ALA A 128 8.68 -13.63 -7.19
C ALA A 128 8.03 -12.41 -6.55
N VAL A 129 8.62 -11.94 -5.46
CA VAL A 129 8.14 -10.76 -4.73
C VAL A 129 9.35 -9.88 -4.45
N VAL A 130 9.28 -8.62 -4.89
CA VAL A 130 10.35 -7.67 -4.57
C VAL A 130 9.71 -6.43 -3.99
N THR A 131 10.17 -6.07 -2.79
CA THR A 131 9.69 -4.90 -2.10
C THR A 131 10.86 -3.94 -1.96
N ALA A 132 10.56 -2.69 -1.65
CA ALA A 132 11.59 -1.71 -1.35
C ALA A 132 12.03 -1.83 0.11
N LYS A 133 11.05 -1.94 1.02
CA LYS A 133 11.32 -2.07 2.46
C LYS A 133 11.22 -3.51 2.96
N ASP A 134 12.12 -3.88 3.87
CA ASP A 134 12.20 -5.28 4.31
C ASP A 134 11.08 -5.80 5.23
N LYS A 135 10.45 -4.94 6.02
CA LYS A 135 9.39 -5.46 6.91
C LYS A 135 8.16 -5.90 6.10
N LEU A 136 7.87 -5.19 5.01
CA LEU A 136 6.84 -5.65 4.07
C LEU A 136 7.26 -6.96 3.39
N ARG A 137 8.55 -7.11 3.09
CA ARG A 137 9.07 -8.34 2.50
C ARG A 137 8.65 -9.56 3.32
N ALA A 138 8.86 -9.50 4.64
CA ALA A 138 8.54 -10.62 5.53
C ALA A 138 7.04 -10.94 5.53
N LEU A 139 6.20 -9.90 5.54
CA LEU A 139 4.75 -10.07 5.47
C LEU A 139 4.31 -10.69 4.16
N LEU A 140 4.80 -10.13 3.06
CA LEU A 140 4.41 -10.57 1.72
C LEU A 140 4.94 -11.96 1.37
N GLY A 141 6.04 -12.33 1.99
CA GLY A 141 6.71 -13.60 1.71
C GLY A 141 6.19 -14.78 2.50
N LYS A 142 5.22 -14.55 3.38
CA LYS A 142 4.69 -15.62 4.25
C LYS A 142 4.19 -16.82 3.44
N GLY A 143 4.68 -18.02 3.78
CA GLY A 143 4.22 -19.25 3.16
C GLY A 143 5.02 -19.67 1.94
N LEU A 144 5.88 -18.79 1.46
CA LEU A 144 6.78 -19.16 0.38
C LEU A 144 7.89 -20.07 0.93
N ARG A 145 8.40 -20.95 0.06
CA ARG A 145 9.52 -21.84 0.40
C ARG A 145 10.62 -21.66 -0.64
N PHE A 146 11.87 -21.93 -0.25
CA PHE A 146 13.03 -21.57 -1.06
C PHE A 146 14.00 -22.73 -1.36
N ASP A 147 13.45 -23.95 -1.33
CA ASP A 147 14.25 -25.17 -1.49
C ASP A 147 14.01 -25.90 -2.82
N GLU A 148 13.21 -25.30 -3.69
CA GLU A 148 12.88 -25.93 -4.97
C GLU A 148 13.21 -25.03 -6.18
N GLY A 149 13.85 -23.89 -5.93
CA GLY A 149 14.22 -22.95 -6.99
C GLY A 149 13.02 -22.27 -7.63
N ARG A 150 11.89 -22.25 -6.93
CA ARG A 150 10.64 -21.69 -7.48
C ARG A 150 10.12 -20.42 -6.81
N ALA A 151 10.88 -19.86 -5.86
CA ALA A 151 10.46 -18.62 -5.20
C ALA A 151 11.62 -17.68 -4.95
N VAL A 152 11.37 -16.39 -5.15
CA VAL A 152 12.32 -15.34 -4.84
C VAL A 152 11.56 -14.26 -4.08
N CYS A 153 12.09 -13.82 -2.94
CA CYS A 153 11.45 -12.77 -2.17
C CYS A 153 12.50 -12.00 -1.38
N PHE A 154 12.73 -10.75 -1.78
CA PHE A 154 13.71 -9.89 -1.09
C PHE A 154 13.32 -8.42 -1.18
N SER A 155 14.00 -7.57 -0.42
CA SER A 155 13.76 -6.13 -0.49
C SER A 155 15.00 -5.45 -1.04
N SER A 156 14.83 -4.25 -1.60
CA SER A 156 15.96 -3.42 -2.02
CA SER A 156 15.99 -3.48 -2.02
C SER A 156 16.79 -3.06 -0.79
N GLU A 157 16.08 -2.72 0.29
CA GLU A 157 16.69 -2.29 1.56
C GLU A 157 17.70 -3.30 2.11
N LYS A 158 17.33 -4.57 2.08
CA LYS A 158 18.19 -5.64 2.60
C LYS A 158 18.65 -6.60 1.50
N SER A 159 18.80 -6.07 0.29
CA SER A 159 19.17 -6.88 -0.88
C SER A 159 20.52 -7.59 -0.72
N ASP A 160 21.46 -6.93 -0.05
CA ASP A 160 22.77 -7.54 0.16
C ASP A 160 22.80 -8.64 1.23
N LYS A 161 21.68 -8.78 1.95
CA LYS A 161 21.54 -9.80 2.99
C LYS A 161 20.78 -11.04 2.52
N ALA A 162 20.26 -11.01 1.30
CA ALA A 162 19.50 -12.15 0.77
C ALA A 162 20.32 -13.43 0.69
N THR A 163 19.72 -14.55 1.10
CA THR A 163 20.36 -15.85 0.99
C THR A 163 19.48 -16.81 0.23
N ARG A 164 20.10 -17.81 -0.39
CA ARG A 164 19.34 -18.84 -1.10
C ARG A 164 18.24 -19.44 -0.20
N ALA A 165 18.61 -19.84 1.01
CA ALA A 165 17.71 -20.59 1.88
C ALA A 165 16.54 -19.78 2.41
N GLU A 166 16.68 -18.46 2.46
CA GLU A 166 15.65 -17.63 3.09
C GLU A 166 14.98 -16.61 2.15
N HIS A 167 15.57 -16.41 0.97
CA HIS A 167 15.09 -15.43 -0.01
C HIS A 167 15.06 -15.98 -1.44
N GLY A 168 15.68 -17.15 -1.65
CA GLY A 168 15.71 -17.79 -2.97
C GLY A 168 16.81 -17.25 -3.87
N ILE A 169 17.64 -16.37 -3.31
CA ILE A 169 18.73 -15.75 -4.06
C ILE A 169 19.85 -15.32 -3.12
N ASP A 170 21.09 -15.53 -3.54
CA ASP A 170 22.25 -15.14 -2.74
C ASP A 170 22.69 -13.75 -3.13
N ASN A 171 22.50 -12.80 -2.20
CA ASN A 171 22.90 -11.41 -2.34
C ASN A 171 22.36 -10.77 -3.63
N ALA A 172 21.15 -10.23 -3.52
CA ALA A 172 20.47 -9.61 -4.67
C ALA A 172 21.18 -8.35 -5.17
N SER A 173 21.90 -7.66 -4.29
CA SER A 173 22.71 -6.49 -4.67
C SER A 173 23.85 -6.90 -5.61
N ALA A 174 24.60 -7.92 -5.21
CA ALA A 174 25.70 -8.43 -6.04
C ALA A 174 25.14 -9.01 -7.36
N TRP A 175 24.02 -9.71 -7.26
CA TRP A 175 23.39 -10.35 -8.40
C TRP A 175 22.93 -9.32 -9.44
N LEU A 176 22.23 -8.29 -8.99
CA LEU A 176 21.74 -7.21 -9.87
C LEU A 176 22.88 -6.32 -10.36
N GLY A 177 23.95 -6.23 -9.58
CA GLY A 177 25.09 -5.41 -9.94
C GLY A 177 24.89 -3.95 -9.60
N ARG A 178 24.08 -3.70 -8.56
CA ARG A 178 23.81 -2.34 -8.09
C ARG A 178 23.97 -2.29 -6.57
N PRO A 179 24.49 -1.17 -6.04
CA PRO A 179 24.62 -1.02 -4.59
C PRO A 179 23.28 -0.94 -3.89
N VAL A 180 23.26 -1.27 -2.60
CA VAL A 180 22.06 -1.13 -1.78
C VAL A 180 21.70 0.36 -1.74
N PRO A 181 20.46 0.71 -2.14
CA PRO A 181 20.15 2.13 -2.12
C PRO A 181 19.88 2.67 -0.71
N GLU A 182 20.00 3.98 -0.57
CA GLU A 182 19.56 4.72 0.60
C GLU A 182 18.06 4.50 0.79
N VAL A 183 17.63 4.27 2.03
CA VAL A 183 16.20 4.05 2.32
C VAL A 183 15.32 5.23 1.88
N TYR A 184 15.75 6.44 2.22
CA TYR A 184 15.01 7.64 1.87
C TYR A 184 15.47 8.18 0.52
N SER A 185 15.06 7.50 -0.55
CA SER A 185 15.51 7.85 -1.90
C SER A 185 14.61 7.23 -2.95
N ALA A 186 14.60 7.88 -4.12
CA ALA A 186 13.98 7.31 -5.30
C ALA A 186 14.67 6.00 -5.69
N ALA A 187 15.99 5.92 -5.48
CA ALA A 187 16.73 4.71 -5.88
C ALA A 187 16.24 3.42 -5.20
N LEU A 188 15.71 3.53 -3.97
CA LEU A 188 15.16 2.34 -3.30
C LEU A 188 14.06 1.69 -4.16
N SER A 189 13.25 2.50 -4.83
CA SER A 189 12.22 2.02 -5.74
C SER A 189 12.80 1.62 -7.09
N GLU A 190 13.74 2.40 -7.61
CA GLU A 190 14.37 2.01 -8.88
C GLU A 190 14.96 0.60 -8.82
N PHE A 191 15.60 0.27 -7.70
CA PHE A 191 16.19 -1.06 -7.52
C PHE A 191 15.14 -2.17 -7.69
N VAL A 192 13.95 -1.94 -7.17
CA VAL A 192 12.83 -2.91 -7.30
C VAL A 192 12.50 -3.17 -8.77
N PHE A 193 12.31 -2.08 -9.53
CA PHE A 193 12.01 -2.19 -10.95
C PHE A 193 13.11 -2.91 -11.70
N ALA A 194 14.37 -2.57 -11.42
CA ALA A 194 15.50 -3.24 -12.07
C ALA A 194 15.58 -4.73 -11.73
N ALA A 195 15.33 -5.05 -10.46
CA ALA A 195 15.29 -6.43 -10.00
C ALA A 195 14.17 -7.21 -10.70
N GLY A 196 13.02 -6.57 -10.84
CA GLY A 196 11.85 -7.15 -11.52
C GLY A 196 12.17 -7.52 -12.95
N VAL A 197 12.80 -6.60 -13.67
CA VAL A 197 13.19 -6.89 -15.05
C VAL A 197 14.15 -8.09 -15.11
N LYS A 198 15.17 -8.09 -14.25
CA LYS A 198 16.16 -9.16 -14.28
C LYS A 198 15.50 -10.50 -13.91
N LEU A 199 14.58 -10.46 -12.95
CA LEU A 199 13.84 -11.69 -12.61
C LEU A 199 12.97 -12.18 -13.76
N LEU A 200 12.31 -11.25 -14.44
CA LEU A 200 11.51 -11.64 -15.59
C LEU A 200 12.37 -12.33 -16.65
N ARG A 201 13.56 -11.80 -16.90
CA ARG A 201 14.47 -12.36 -17.91
C ARG A 201 15.02 -13.72 -17.50
N GLU A 202 15.50 -13.80 -16.27
CA GLU A 202 16.34 -14.90 -15.87
C GLU A 202 15.64 -15.97 -15.02
N PHE A 203 14.59 -15.55 -14.31
CA PHE A 203 13.84 -16.44 -13.41
C PHE A 203 12.51 -16.88 -14.04
N ARG A 204 11.94 -16.01 -14.89
CA ARG A 204 10.66 -16.26 -15.58
C ARG A 204 9.54 -16.71 -14.62
N PRO A 205 9.16 -15.84 -13.66
CA PRO A 205 8.11 -16.17 -12.72
C PRO A 205 6.75 -16.22 -13.41
N ASP A 206 5.87 -17.07 -12.91
CA ASP A 206 4.47 -17.07 -13.33
C ASP A 206 3.74 -15.89 -12.72
N ILE A 207 4.11 -15.57 -11.49
CA ILE A 207 3.48 -14.51 -10.70
C ILE A 207 4.60 -13.65 -10.13
N MET A 208 4.51 -12.35 -10.35
CA MET A 208 5.48 -11.44 -9.72
C MET A 208 4.84 -10.17 -9.23
N TYR A 209 5.20 -9.78 -8.01
CA TYR A 209 4.76 -8.53 -7.40
C TYR A 209 5.96 -7.61 -7.18
N LEU A 210 5.83 -6.37 -7.64
CA LEU A 210 6.84 -5.34 -7.43
C LEU A 210 6.20 -4.19 -6.67
N THR A 211 6.74 -3.89 -5.49
CA THR A 211 6.18 -2.79 -4.71
C THR A 211 7.27 -1.86 -4.21
N THR A 212 6.94 -0.58 -4.09
CA THR A 212 7.91 0.50 -3.93
C THR A 212 7.65 1.27 -2.63
N THR A 213 8.21 2.49 -2.50
CA THR A 213 7.86 3.41 -1.40
C THR A 213 7.41 4.77 -1.93
N ASP A 214 6.70 5.52 -1.09
CA ASP A 214 6.17 6.84 -1.49
C ASP A 214 7.04 8.02 -0.99
N TYR A 215 8.33 7.75 -0.82
CA TYR A 215 9.30 8.79 -0.45
C TYR A 215 9.18 10.04 -1.33
N VAL A 216 9.30 9.86 -2.65
CA VAL A 216 9.22 10.98 -3.60
C VAL A 216 7.86 11.69 -3.52
N GLN A 217 6.81 10.90 -3.43
CA GLN A 217 5.44 11.42 -3.45
C GLN A 217 5.05 12.23 -2.21
N HIS A 218 5.58 11.87 -1.05
CA HIS A 218 5.37 12.65 0.17
C HIS A 218 6.05 14.02 0.09
N LYS A 219 7.11 14.09 -0.70
CA LYS A 219 7.96 15.29 -0.80
C LYS A 219 7.60 16.21 -1.96
N TYR A 220 7.16 15.61 -3.07
CA TYR A 220 6.97 16.36 -4.30
C TYR A 220 5.59 16.13 -4.90
N ALA A 221 4.95 17.23 -5.27
CA ALA A 221 3.63 17.22 -5.91
C ALA A 221 3.71 16.77 -7.37
N PRO A 222 2.58 16.33 -7.93
CA PRO A 222 2.53 15.97 -9.36
C PRO A 222 3.08 17.06 -10.27
N GLY A 223 3.90 16.65 -11.24
CA GLY A 223 4.38 17.57 -12.27
C GLY A 223 5.62 18.40 -11.96
N VAL A 224 6.10 18.38 -10.73
CA VAL A 224 7.35 19.06 -10.42
C VAL A 224 8.52 18.21 -10.92
N PRO A 225 9.71 18.82 -11.13
CA PRO A 225 10.79 18.07 -11.76
C PRO A 225 11.17 16.73 -11.10
N GLU A 226 11.19 16.69 -9.77
CA GLU A 226 11.63 15.51 -9.05
C GLU A 226 10.62 14.37 -9.11
N ALA A 227 9.34 14.73 -9.18
CA ALA A 227 8.26 13.76 -9.35
C ALA A 227 8.27 13.23 -10.78
N ASN A 228 8.32 14.15 -11.75
CA ASN A 228 8.42 13.76 -13.17
C ASN A 228 9.60 12.82 -13.45
N SER A 229 10.76 13.11 -12.87
CA SER A 229 11.93 12.27 -13.09
C SER A 229 11.76 10.85 -12.56
N PHE A 230 11.06 10.71 -11.44
CA PHE A 230 10.75 9.39 -10.88
C PHE A 230 9.93 8.54 -11.85
N TYR A 231 8.86 9.11 -12.39
CA TYR A 231 8.00 8.35 -13.29
C TYR A 231 8.61 8.15 -14.67
N GLU A 232 9.41 9.13 -15.10
CA GLU A 232 10.25 8.96 -16.30
C GLU A 232 11.13 7.71 -16.14
N MET A 233 11.74 7.57 -14.96
CA MET A 233 12.60 6.43 -14.65
C MET A 233 11.79 5.13 -14.67
N PHE A 234 10.63 5.15 -14.02
CA PHE A 234 9.80 3.96 -13.97
C PHE A 234 9.40 3.50 -15.38
N ASP A 235 9.06 4.45 -16.24
CA ASP A 235 8.59 4.13 -17.59
C ASP A 235 9.57 3.26 -18.37
N ARG A 236 10.88 3.51 -18.17
CA ARG A 236 11.91 2.71 -18.82
C ARG A 236 11.81 1.24 -18.44
N TYR A 237 11.58 0.99 -17.15
CA TYR A 237 11.47 -0.39 -16.69
C TYR A 237 10.15 -1.00 -17.14
N LEU A 238 9.09 -0.19 -17.15
CA LEU A 238 7.80 -0.66 -17.64
C LEU A 238 7.92 -1.08 -19.11
N ALA A 239 8.64 -0.29 -19.90
CA ALA A 239 8.86 -0.58 -21.31
C ALA A 239 9.53 -1.93 -21.46
N GLU A 240 10.52 -2.22 -20.62
CA GLU A 240 11.28 -3.47 -20.72
C GLU A 240 10.42 -4.66 -20.32
N LEU A 241 9.67 -4.52 -19.23
CA LEU A 241 8.77 -5.59 -18.78
C LEU A 241 7.73 -5.94 -19.84
N ASP A 242 7.12 -4.90 -20.40
CA ASP A 242 6.08 -5.05 -21.41
C ASP A 242 6.65 -5.70 -22.67
N GLY A 243 7.87 -5.28 -23.04
CA GLY A 243 8.54 -5.79 -24.24
C GLY A 243 8.88 -7.26 -24.14
N LEU A 244 9.11 -7.71 -22.91
CA LEU A 244 9.42 -9.11 -22.62
C LEU A 244 8.21 -10.04 -22.60
N GLY A 245 7.02 -9.48 -22.80
CA GLY A 245 5.80 -10.26 -23.04
C GLY A 245 4.90 -10.54 -21.84
N ALA A 246 5.25 -9.98 -20.68
CA ALA A 246 4.43 -10.18 -19.48
C ALA A 246 3.10 -9.43 -19.55
N ALA A 247 2.08 -9.97 -18.89
CA ALA A 247 0.83 -9.26 -18.65
C ALA A 247 1.02 -8.49 -17.35
N ILE A 248 0.74 -7.19 -17.41
CA ILE A 248 1.11 -6.27 -16.33
C ILE A 248 -0.08 -5.41 -15.92
N VAL A 249 -0.32 -5.33 -14.62
CA VAL A 249 -1.21 -4.34 -14.04
C VAL A 249 -0.34 -3.35 -13.28
N VAL A 250 -0.50 -2.08 -13.60
CA VAL A 250 0.11 -1.00 -12.82
C VAL A 250 -0.97 -0.37 -11.97
N THR A 251 -0.76 -0.38 -10.65
CA THR A 251 -1.72 0.27 -9.74
C THR A 251 -0.97 0.93 -8.59
N ALA A 252 -1.69 1.28 -7.53
CA ALA A 252 -1.05 1.90 -6.36
C ALA A 252 -1.74 1.41 -5.09
N ASP A 253 -1.02 1.46 -3.97
CA ASP A 253 -1.63 1.19 -2.65
C ASP A 253 -2.60 2.27 -2.18
N HIS A 254 -2.32 3.52 -2.57
CA HIS A 254 -3.12 4.69 -2.20
C HIS A 254 -2.59 5.88 -2.98
N GLY A 255 -3.33 6.98 -2.94
CA GLY A 255 -2.93 8.23 -3.59
C GLY A 255 -2.17 9.13 -2.64
N MET A 256 -2.23 10.43 -2.91
CA MET A 256 -1.45 11.41 -2.16
C MET A 256 -2.07 12.78 -2.38
N LYS A 257 -2.28 13.51 -1.28
CA LYS A 257 -2.80 14.87 -1.36
C LYS A 257 -2.00 15.80 -0.44
N PRO A 258 -1.95 17.10 -0.80
CA PRO A 258 -1.36 18.09 0.12
C PRO A 258 -2.21 18.25 1.37
N LYS A 259 -1.55 18.40 2.52
CA LYS A 259 -2.23 18.43 3.82
C LYS A 259 -1.73 19.62 4.62
N HIS A 260 -1.52 20.74 3.95
CA HIS A 260 -0.90 21.90 4.60
C HIS A 260 -1.75 23.15 4.52
N LYS A 261 -1.67 23.96 5.56
CA LYS A 261 -2.31 25.27 5.58
C LYS A 261 -1.67 26.20 4.55
N ALA A 262 -2.25 27.38 4.39
CA ALA A 262 -1.71 28.41 3.48
C ALA A 262 -0.27 28.80 3.80
N ASP A 263 0.11 28.74 5.08
CA ASP A 263 1.47 29.08 5.52
C ASP A 263 2.46 27.91 5.34
N GLY A 264 1.96 26.78 4.84
CA GLY A 264 2.79 25.62 4.54
C GLY A 264 3.01 24.71 5.73
N SER A 265 2.29 24.98 6.82
CA SER A 265 2.38 24.16 8.04
C SER A 265 1.29 23.10 8.05
N PRO A 266 1.54 21.95 8.74
CA PRO A 266 0.56 20.87 8.77
C PRO A 266 -0.78 21.33 9.36
N ASP A 267 -1.87 21.00 8.66
CA ASP A 267 -3.22 21.31 9.13
C ASP A 267 -3.77 20.07 9.86
N VAL A 268 -3.71 20.12 11.18
CA VAL A 268 -3.96 18.94 12.01
C VAL A 268 -5.12 19.12 12.97
N ILE A 269 -5.90 18.06 13.13
CA ILE A 269 -6.91 17.97 14.17
C ILE A 269 -6.39 17.02 15.24
N TYR A 270 -6.14 17.55 16.43
CA TYR A 270 -5.58 16.76 17.52
C TYR A 270 -6.69 16.06 18.30
N VAL A 271 -6.93 14.81 17.93
CA VAL A 271 -8.08 14.05 18.42
C VAL A 271 -7.97 13.67 19.89
N GLN A 272 -6.75 13.41 20.36
CA GLN A 272 -6.53 13.08 21.76
C GLN A 272 -6.90 14.25 22.67
N ASP A 273 -6.44 15.44 22.32
CA ASP A 273 -6.72 16.67 23.07
C ASP A 273 -8.21 16.87 23.28
N LEU A 274 -8.98 16.67 22.21
CA LEU A 274 -10.44 16.83 22.23
C LEU A 274 -11.12 15.80 23.13
N LEU A 275 -10.64 14.55 23.08
CA LEU A 275 -11.18 13.47 23.91
C LEU A 275 -10.79 13.63 25.38
N ASP A 276 -9.61 14.21 25.63
CA ASP A 276 -9.16 14.55 26.98
C ASP A 276 -10.11 15.52 27.68
N GLU A 277 -10.55 16.55 26.95
CA GLU A 277 -11.45 17.55 27.49
C GLU A 277 -12.84 16.96 27.79
N TRP A 278 -13.35 16.14 26.88
CA TRP A 278 -14.70 15.60 27.00
C TRP A 278 -14.83 14.42 27.96
N LEU A 279 -13.80 13.56 27.99
CA LEU A 279 -13.88 12.29 28.70
C LEU A 279 -12.91 12.17 29.87
N GLY A 280 -11.93 13.06 29.92
CA GLY A 280 -10.85 12.96 30.91
C GLY A 280 -9.55 12.57 30.24
N LYS A 281 -8.44 13.05 30.78
CA LYS A 281 -7.11 12.84 30.18
C LYS A 281 -6.70 11.36 30.18
N ASP A 282 -6.38 10.86 28.99
CA ASP A 282 -5.99 9.47 28.76
C ASP A 282 -7.07 8.43 29.10
N ALA A 283 -8.31 8.89 29.25
CA ALA A 283 -9.45 7.99 29.43
C ALA A 283 -9.71 7.23 28.13
N ALA A 284 -9.50 7.92 27.01
CA ALA A 284 -9.57 7.33 25.68
C ALA A 284 -8.17 7.23 25.08
N ARG A 285 -8.01 6.37 24.09
CA ARG A 285 -6.74 6.21 23.41
C ARG A 285 -6.93 6.33 21.90
N VAL A 286 -6.32 7.36 21.32
CA VAL A 286 -6.32 7.57 19.88
C VAL A 286 -5.12 6.86 19.26
N ILE A 287 -5.39 6.07 18.23
CA ILE A 287 -4.38 5.31 17.50
C ILE A 287 -4.27 5.84 16.07
N LEU A 288 -3.05 6.14 15.65
CA LEU A 288 -2.78 6.60 14.28
C LEU A 288 -2.06 5.50 13.51
N PRO A 289 -2.82 4.71 12.71
CA PRO A 289 -2.30 3.51 12.05
C PRO A 289 -1.25 3.75 10.95
N ILE A 290 -1.05 5.00 10.54
CA ILE A 290 -0.15 5.33 9.42
C ILE A 290 1.27 4.75 9.56
N THR A 291 1.85 4.89 10.74
CA THR A 291 3.21 4.38 11.00
C THR A 291 3.47 4.15 12.49
N ASP A 292 4.61 3.49 12.77
CA ASP A 292 5.02 3.10 14.13
C ASP A 292 4.82 4.20 15.19
N PRO A 293 4.30 3.82 16.37
CA PRO A 293 3.92 4.77 17.43
C PRO A 293 5.09 5.41 18.20
N TYR A 294 6.29 4.87 18.05
CA TYR A 294 7.48 5.41 18.73
C TYR A 294 8.34 6.31 17.85
N VAL A 295 7.73 6.88 16.81
CA VAL A 295 8.38 7.87 15.94
C VAL A 295 7.54 9.16 15.94
N VAL A 296 8.21 10.30 16.12
CA VAL A 296 7.51 11.57 16.38
C VAL A 296 7.80 12.71 15.39
N HIS A 297 8.65 12.45 14.40
CA HIS A 297 9.12 13.48 13.48
C HIS A 297 8.21 13.71 12.26
N HIS A 298 7.03 14.30 12.54
CA HIS A 298 6.00 14.65 11.53
C HIS A 298 5.58 13.53 10.55
N GLY A 299 6.17 12.34 10.68
CA GLY A 299 5.88 11.22 9.79
C GLY A 299 4.64 10.43 10.18
N ALA A 300 4.05 10.77 11.32
CA ALA A 300 2.87 10.07 11.85
C ALA A 300 1.56 10.79 11.57
N LEU A 301 1.56 11.66 10.57
CA LEU A 301 0.36 12.40 10.20
C LEU A 301 -0.34 11.83 8.96
N GLY A 302 -1.52 11.25 9.18
CA GLY A 302 -2.35 10.70 8.12
C GLY A 302 -3.79 11.14 8.28
N SER A 303 -4.65 10.71 7.37
CA SER A 303 -6.03 11.18 7.34
C SER A 303 -7.04 10.17 7.87
N PHE A 304 -6.55 9.18 8.60
CA PHE A 304 -7.39 8.14 9.19
C PHE A 304 -6.93 7.88 10.61
N ALA A 305 -7.88 7.87 11.54
CA ALA A 305 -7.59 7.53 12.93
C ALA A 305 -8.68 6.67 13.55
N THR A 306 -8.32 5.95 14.60
CA THR A 306 -9.27 5.18 15.38
C THR A 306 -9.07 5.44 16.87
N ALA A 307 -10.15 5.33 17.65
CA ALA A 307 -10.06 5.61 19.07
C ALA A 307 -10.75 4.57 19.92
N TYR A 308 -10.09 4.23 21.04
CA TYR A 308 -10.57 3.26 22.00
C TYR A 308 -11.12 4.02 23.21
N LEU A 309 -12.43 3.92 23.43
CA LEU A 309 -13.13 4.72 24.43
C LEU A 309 -13.30 4.01 25.78
N PRO A 310 -13.40 4.78 26.88
CA PRO A 310 -13.62 4.16 28.19
C PRO A 310 -15.02 3.53 28.31
N ASP A 311 -15.12 2.47 29.11
CA ASP A 311 -16.39 1.78 29.33
C ASP A 311 -17.47 2.72 29.86
N GLY A 312 -18.69 2.53 29.39
CA GLY A 312 -19.84 3.29 29.85
C GLY A 312 -19.90 4.74 29.41
N CYS A 313 -19.18 5.09 28.36
CA CYS A 313 -19.28 6.44 27.80
C CYS A 313 -20.26 6.44 26.62
N ASP A 314 -20.81 7.60 26.33
CA ASP A 314 -21.78 7.77 25.25
C ASP A 314 -21.06 7.89 23.91
N ARG A 315 -20.96 6.77 23.20
CA ARG A 315 -20.28 6.73 21.90
C ARG A 315 -20.98 7.64 20.89
N SER A 316 -22.31 7.52 20.82
CA SER A 316 -23.13 8.31 19.90
C SER A 316 -22.98 9.82 20.10
N GLU A 317 -22.82 10.24 21.36
CA GLU A 317 -22.59 11.65 21.68
C GLU A 317 -21.18 12.10 21.28
N ILE A 318 -20.19 11.28 21.62
CA ILE A 318 -18.78 11.56 21.28
C ILE A 318 -18.59 11.64 19.76
N MET A 319 -19.24 10.74 19.03
CA MET A 319 -19.21 10.74 17.57
C MET A 319 -19.83 12.00 16.96
N ALA A 320 -20.93 12.47 17.54
CA ALA A 320 -21.63 13.66 17.04
C ALA A 320 -20.80 14.93 17.20
N ARG A 321 -20.07 15.03 18.31
CA ARG A 321 -19.21 16.20 18.56
C ARG A 321 -18.04 16.28 17.59
N LEU A 322 -17.39 15.15 17.35
CA LEU A 322 -16.26 15.08 16.41
C LEU A 322 -16.71 15.38 14.98
N LYS A 323 -17.89 14.90 14.61
CA LYS A 323 -18.44 15.12 13.26
C LYS A 323 -18.76 16.60 13.00
N ALA A 324 -19.10 17.33 14.06
CA ALA A 324 -19.38 18.77 13.97
C ALA A 324 -18.13 19.61 13.69
N ILE A 325 -16.95 19.03 13.93
CA ILE A 325 -15.69 19.73 13.71
C ILE A 325 -15.36 19.81 12.21
N GLN A 326 -14.96 21.00 11.77
CA GLN A 326 -14.57 21.20 10.37
C GLN A 326 -13.21 20.56 10.10
N GLY A 327 -13.21 19.62 9.15
CA GLY A 327 -12.03 18.84 8.85
C GLY A 327 -12.23 17.38 9.17
N VAL A 328 -13.23 17.07 10.00
CA VAL A 328 -13.61 15.69 10.27
C VAL A 328 -14.80 15.31 9.38
N ASP A 329 -14.52 14.57 8.31
CA ASP A 329 -15.52 14.24 7.32
C ASP A 329 -16.39 13.05 7.68
N VAL A 330 -15.77 12.03 8.28
CA VAL A 330 -16.45 10.77 8.57
C VAL A 330 -16.15 10.35 10.01
N VAL A 331 -17.21 10.07 10.78
CA VAL A 331 -17.07 9.47 12.10
C VAL A 331 -18.06 8.32 12.20
N LEU A 332 -17.57 7.12 12.47
CA LEU A 332 -18.41 5.93 12.50
C LEU A 332 -18.04 5.05 13.68
N GLY A 333 -19.02 4.31 14.19
CA GLY A 333 -18.74 3.31 15.22
C GLY A 333 -18.05 2.10 14.63
N ARG A 334 -17.43 1.30 15.49
CA ARG A 334 -16.71 0.09 15.08
C ARG A 334 -17.52 -0.76 14.08
N GLU A 335 -18.79 -0.98 14.40
CA GLU A 335 -19.65 -1.86 13.60
C GLU A 335 -19.85 -1.34 12.18
N GLU A 336 -20.25 -0.09 12.06
CA GLU A 336 -20.47 0.55 10.76
C GLU A 336 -19.17 0.67 9.98
N ALA A 337 -18.10 1.06 10.66
CA ALA A 337 -16.79 1.26 9.99
C ALA A 337 -16.25 -0.05 9.43
N CYS A 338 -16.34 -1.13 10.21
CA CYS A 338 -15.85 -2.43 9.76
C CYS A 338 -16.64 -2.98 8.58
N ARG A 339 -17.96 -2.80 8.61
CA ARG A 339 -18.83 -3.16 7.50
C ARG A 339 -18.49 -2.35 6.24
N ARG A 340 -18.46 -1.02 6.39
CA ARG A 340 -18.27 -0.11 5.27
C ARG A 340 -16.88 -0.20 4.63
N PHE A 341 -15.84 -0.25 5.46
CA PHE A 341 -14.45 -0.26 4.96
C PHE A 341 -13.85 -1.66 4.88
N GLU A 342 -14.64 -2.65 5.29
CA GLU A 342 -14.24 -4.06 5.25
C GLU A 342 -12.99 -4.33 6.10
N LEU A 343 -13.12 -4.03 7.39
CA LEU A 343 -12.03 -4.17 8.35
C LEU A 343 -12.43 -5.15 9.46
N PRO A 344 -11.45 -5.75 10.15
CA PRO A 344 -11.77 -6.71 11.22
C PRO A 344 -12.11 -5.99 12.53
N GLU A 345 -13.23 -6.35 13.14
CA GLU A 345 -13.70 -5.70 14.37
C GLU A 345 -12.71 -5.81 15.54
N ASP A 346 -12.01 -6.94 15.62
CA ASP A 346 -11.08 -7.20 16.71
C ASP A 346 -9.76 -6.42 16.65
N ARG A 347 -9.57 -5.65 15.58
CA ARG A 347 -8.34 -4.89 15.39
C ARG A 347 -8.58 -3.40 15.11
N ILE A 348 -9.75 -2.92 15.51
CA ILE A 348 -10.16 -1.53 15.31
C ILE A 348 -10.73 -0.97 16.62
N GLY A 349 -10.61 0.32 16.82
CA GLY A 349 -11.17 0.99 18.02
C GLY A 349 -12.68 1.13 17.99
N ASP A 350 -13.21 1.75 19.05
CA ASP A 350 -14.66 1.96 19.17
C ASP A 350 -15.21 2.93 18.14
N ILE A 351 -14.38 3.87 17.71
CA ILE A 351 -14.74 4.83 16.67
C ILE A 351 -13.65 4.94 15.61
N VAL A 352 -14.06 5.28 14.39
CA VAL A 352 -13.14 5.48 13.27
C VAL A 352 -13.38 6.88 12.73
N LEU A 353 -12.29 7.63 12.55
CA LEU A 353 -12.34 9.00 12.04
C LEU A 353 -11.61 9.12 10.72
N VAL A 354 -12.22 9.80 9.75
CA VAL A 354 -11.55 10.14 8.50
C VAL A 354 -11.60 11.65 8.33
N SER A 355 -10.46 12.26 8.09
CA SER A 355 -10.39 13.72 7.91
C SER A 355 -10.63 14.18 6.47
N SER A 356 -10.79 15.49 6.31
CA SER A 356 -11.01 16.13 5.01
C SER A 356 -9.78 16.10 4.11
N GLU A 357 -9.97 16.51 2.87
CA GLU A 357 -8.96 16.40 1.81
C GLU A 357 -7.59 16.98 2.19
N ASN A 358 -7.58 18.18 2.78
CA ASN A 358 -6.32 18.85 3.07
C ASN A 358 -5.98 18.98 4.56
N LYS A 359 -6.55 18.09 5.36
CA LYS A 359 -6.21 18.02 6.79
C LYS A 359 -5.78 16.61 7.23
N THR A 360 -5.04 16.55 8.33
CA THR A 360 -4.65 15.28 8.93
C THR A 360 -5.17 15.15 10.36
N LEU A 361 -5.02 13.95 10.91
CA LEU A 361 -5.44 13.66 12.28
C LEU A 361 -4.21 13.32 13.12
N GLY A 362 -4.05 14.03 14.23
CA GLY A 362 -2.95 13.75 15.18
C GLY A 362 -3.48 13.29 16.53
N THR A 363 -2.57 13.08 17.47
CA THR A 363 -2.95 12.76 18.84
C THR A 363 -3.11 14.04 19.66
N SER A 364 -2.01 14.47 20.26
CA SER A 364 -2.05 15.61 21.18
C SER A 364 -0.95 16.63 20.90
N GLU A 365 -1.12 17.82 21.45
CA GLU A 365 -0.14 18.90 21.30
C GLU A 365 0.93 18.88 22.39
N HIS A 366 0.58 18.35 23.57
CA HIS A 366 1.57 18.16 24.64
C HIS A 366 2.49 16.98 24.32
N ARG A 367 3.73 17.32 23.94
CA ARG A 367 4.70 16.43 23.28
C ARG A 367 4.66 16.61 21.75
N HIS A 368 3.47 16.87 21.22
CA HIS A 368 3.28 17.29 19.83
C HIS A 368 3.83 16.29 18.80
N ASP A 369 4.14 16.80 17.61
CA ASP A 369 4.80 16.05 16.55
C ASP A 369 5.81 16.99 15.89
N LEU A 370 7.09 16.62 15.97
CA LEU A 370 8.19 17.49 15.55
C LEU A 370 8.23 17.69 14.02
N ALA A 371 7.97 18.92 13.59
CA ALA A 371 8.06 19.30 12.19
C ALA A 371 9.53 19.43 11.78
N ALA A 372 10.09 18.36 11.22
CA ALA A 372 11.52 18.28 10.92
C ALA A 372 11.87 18.65 9.48
N LEU A 373 11.26 17.97 8.51
CA LEU A 373 11.51 18.24 7.09
C LEU A 373 10.75 19.47 6.61
N ASP A 374 11.37 20.20 5.68
CA ASP A 374 10.90 21.52 5.26
C ASP A 374 9.61 21.50 4.46
N GLU A 375 9.58 20.68 3.39
CA GLU A 375 8.50 20.71 2.41
C GLU A 375 7.09 20.65 3.02
N PRO A 376 6.14 21.42 2.44
CA PRO A 376 4.74 21.39 2.89
C PRO A 376 4.22 19.96 2.96
N LEU A 377 3.42 19.67 3.98
CA LEU A 377 2.95 18.30 4.25
C LEU A 377 2.10 17.73 3.11
N ARG A 378 2.44 16.51 2.72
CA ARG A 378 1.64 15.71 1.80
C ARG A 378 1.44 14.35 2.46
N SER A 379 0.21 13.85 2.44
CA SER A 379 -0.05 12.55 3.06
C SER A 379 -1.27 11.86 2.47
N HIS A 380 -1.70 10.82 3.17
CA HIS A 380 -2.78 9.95 2.71
C HIS A 380 -3.46 9.27 3.90
N GLY A 381 -4.36 8.33 3.62
CA GLY A 381 -5.07 7.62 4.67
C GLY A 381 -6.58 7.74 4.57
N GLY A 382 -7.04 8.85 4.00
CA GLY A 382 -8.47 9.11 3.87
C GLY A 382 -9.16 8.70 2.57
N LEU A 383 -10.42 9.09 2.43
CA LEU A 383 -11.20 8.82 1.23
C LEU A 383 -10.64 9.58 0.02
N THR A 384 -9.90 10.64 0.30
CA THR A 384 -9.37 11.47 -0.79
C THR A 384 -8.04 10.97 -1.34
N GLU A 385 -7.59 9.81 -0.86
CA GLU A 385 -6.43 9.14 -1.44
C GLU A 385 -6.77 7.69 -1.79
N GLN A 386 -8.07 7.43 -1.94
CA GLN A 386 -8.56 6.09 -2.26
C GLN A 386 -8.44 5.80 -3.74
N GLU A 387 -8.59 6.82 -4.57
CA GLU A 387 -8.62 6.63 -6.01
C GLU A 387 -7.21 6.48 -6.56
N VAL A 388 -6.96 5.37 -7.24
CA VAL A 388 -5.63 5.04 -7.75
C VAL A 388 -5.73 4.61 -9.23
N PRO A 389 -4.63 4.78 -9.99
CA PRO A 389 -4.61 4.28 -11.37
C PRO A 389 -4.67 2.76 -11.39
N PHE A 390 -5.23 2.20 -12.46
CA PHE A 390 -5.28 0.76 -12.64
C PHE A 390 -5.18 0.58 -14.15
N ILE A 391 -3.98 0.23 -14.61
CA ILE A 391 -3.70 0.18 -16.04
C ILE A 391 -3.17 -1.18 -16.40
N VAL A 392 -3.72 -1.76 -17.46
CA VAL A 392 -3.34 -3.10 -17.90
C VAL A 392 -2.85 -3.01 -19.34
N ASN A 393 -1.79 -3.74 -19.63
CA ASN A 393 -1.18 -3.73 -20.96
C ASN A 393 -1.78 -4.80 -21.87
N ARG A 394 -3.08 -5.03 -21.67
CA ARG A 394 -3.84 -5.94 -22.53
C ARG A 394 -5.22 -5.33 -22.79
N VAL A 395 -5.86 -5.80 -23.86
CA VAL A 395 -7.21 -5.38 -24.17
C VAL A 395 -8.19 -6.11 -23.24
N LEU A 396 -8.90 -5.34 -22.42
CA LEU A 396 -9.84 -5.89 -21.44
C LEU A 396 -11.07 -5.02 -21.30
N PRO A 397 -11.96 -5.04 -22.31
CA PRO A 397 -13.10 -4.13 -22.27
C PRO A 397 -14.07 -4.39 -21.10
N GLU A 398 -14.10 -5.60 -20.56
CA GLU A 398 -15.00 -5.96 -19.44
C GLU A 398 -14.47 -5.49 -18.09
N LEU A 399 -13.20 -5.07 -18.05
CA LEU A 399 -12.60 -4.61 -16.80
C LEU A 399 -13.50 -3.55 -16.15
N PRO A 400 -13.86 -3.75 -14.88
CA PRO A 400 -14.72 -2.74 -14.27
C PRO A 400 -13.95 -1.44 -13.98
N ASN A 401 -14.67 -0.43 -13.52
CA ASN A 401 -14.06 0.82 -13.03
C ASN A 401 -14.41 0.98 -11.55
N ALA A 402 -13.73 1.90 -10.87
CA ALA A 402 -14.10 2.28 -9.50
C ALA A 402 -15.56 2.71 -9.48
N PRO A 403 -16.28 2.41 -8.39
CA PRO A 403 -15.86 1.81 -7.12
C PRO A 403 -15.83 0.28 -7.11
N ARG A 404 -16.32 -0.33 -8.19
CA ARG A 404 -16.35 -1.79 -8.31
C ARG A 404 -14.93 -2.34 -8.40
N LEU A 405 -14.08 -1.67 -9.18
CA LEU A 405 -12.69 -2.09 -9.31
C LEU A 405 -11.85 -1.64 -8.12
N ARG A 406 -11.13 -2.59 -7.53
CA ARG A 406 -10.28 -2.32 -6.39
C ARG A 406 -8.83 -2.51 -6.76
N ASN A 407 -7.91 -1.83 -6.07
CA ASN A 407 -6.50 -2.06 -6.34
C ASN A 407 -6.12 -3.52 -6.07
N PHE A 408 -6.83 -4.16 -5.11
CA PHE A 408 -6.58 -5.56 -4.81
C PHE A 408 -7.26 -6.56 -5.75
N ASP A 409 -7.76 -6.06 -6.88
CA ASP A 409 -8.13 -6.90 -8.02
C ASP A 409 -6.96 -7.03 -9.00
N ALA A 410 -5.82 -6.43 -8.63
CA ALA A 410 -4.67 -6.37 -9.54
C ALA A 410 -4.29 -7.74 -10.08
N PHE A 411 -4.04 -8.69 -9.18
CA PHE A 411 -3.61 -10.01 -9.63
C PHE A 411 -4.69 -10.78 -10.35
N PHE A 412 -5.94 -10.60 -9.90
CA PHE A 412 -7.05 -11.29 -10.57
C PHE A 412 -7.09 -10.92 -12.05
N TYR A 413 -6.99 -9.63 -12.34
CA TYR A 413 -6.99 -9.19 -13.73
C TYR A 413 -5.67 -9.39 -14.44
N ALA A 414 -4.54 -9.33 -13.71
CA ALA A 414 -3.24 -9.67 -14.32
C ALA A 414 -3.22 -11.09 -14.88
N VAL A 415 -3.62 -12.07 -14.05
CA VAL A 415 -3.61 -13.48 -14.50
C VAL A 415 -4.70 -13.74 -15.54
N THR A 416 -5.84 -13.07 -15.42
CA THR A 416 -6.90 -13.16 -16.43
C THR A 416 -6.38 -12.65 -17.79
N ALA A 417 -5.70 -11.52 -17.77
CA ALA A 417 -5.08 -10.98 -18.99
C ALA A 417 -3.97 -11.90 -19.50
N ALA A 418 -3.27 -12.58 -18.60
CA ALA A 418 -2.19 -13.51 -18.95
C ALA A 418 -2.72 -14.86 -19.40
N ALA A 419 -3.97 -15.15 -19.05
CA ALA A 419 -4.56 -16.44 -19.37
C ALA A 419 -5.26 -16.36 -20.73
ZN ZN B . 2.24 3.56 0.61
ZN ZN C . 3.08 7.26 2.64
V VO4 D . 2.99 4.45 3.72
O1 VO4 D . 4.41 3.27 4.13
O2 VO4 D . 3.55 6.21 4.23
O3 VO4 D . 1.40 4.05 4.73
O4 VO4 D . 2.67 4.78 1.88
NI NI E . 18.97 1.32 -8.23
#